data_8EB5
#
_entry.id   8EB5
#
_cell.length_a   55.271
_cell.length_b   55.271
_cell.length_c   212.573
_cell.angle_alpha   90.00
_cell.angle_beta   90.00
_cell.angle_gamma   120.00
#
_symmetry.space_group_name_H-M   'P 65 2 2'
#
loop_
_entity.id
_entity.type
_entity.pdbx_description
1 polymer 'Hermes transposase BED domain'
2 polymer 'Hermes transposon left-end subterminal repeats 1 and 2'
3 polymer 'Hermes transposon left-end subterminal repeats 1 and 2'
4 non-polymer 'ZINC ION'
5 water water
#
loop_
_entity_poly.entity_id
_entity_poly.type
_entity_poly.pdbx_seq_one_letter_code
_entity_poly.pdbx_strand_id
1 'polypeptide(L)' MQKMDNLEVKAKINQGLYKITPRHKGTSFIWNVLADIQKEDDTLVEGWVFCRKCEKVLKYTTRQTSNLCRHKCCASLK A
2 'polydeoxyribonucleotide' (DC)(DA)(DA)(DC)(DA)(DA)(DG)(DT)(DG)(DG)(DC)(DT)(DT)(DA)(DT)(DT)(DT) C
3 'polydeoxyribonucleotide' (DA)(DA)(DA)(DT)(DA)(DA)(DG)(DC)(DC)(DA)(DC)(DT)(DT)(DG)(DT)(DT)(DG) D
#
# COMPACT_ATOMS: atom_id res chain seq x y z
N MET A 4 4.26 16.43 3.84
CA MET A 4 3.28 15.93 2.88
C MET A 4 2.41 14.79 3.44
N ASP A 5 1.24 14.56 2.82
CA ASP A 5 0.24 13.54 3.20
C ASP A 5 0.79 12.11 3.26
N ASN A 6 1.89 11.86 2.56
CA ASN A 6 2.56 10.57 2.49
C ASN A 6 3.20 10.25 3.83
N LEU A 7 3.90 11.24 4.43
CA LEU A 7 4.61 11.12 5.70
C LEU A 7 3.65 11.03 6.88
N GLU A 8 2.48 11.68 6.79
CA GLU A 8 1.44 11.62 7.83
C GLU A 8 1.00 10.16 8.01
N VAL A 9 0.72 9.46 6.90
CA VAL A 9 0.27 8.06 6.89
C VAL A 9 1.33 7.15 7.49
N LYS A 10 2.59 7.31 7.05
CA LYS A 10 3.71 6.53 7.54
C LYS A 10 3.97 6.77 9.01
N ALA A 11 3.76 8.01 9.49
CA ALA A 11 3.93 8.29 10.92
C ALA A 11 2.90 7.53 11.74
N LYS A 12 1.65 7.50 11.28
CA LYS A 12 0.59 6.79 12.00
C LYS A 12 0.76 5.27 11.99
N ILE A 13 1.54 4.71 11.05
CA ILE A 13 1.80 3.25 11.04
C ILE A 13 2.87 2.93 12.10
N ASN A 14 3.90 3.77 12.18
CA ASN A 14 5.01 3.67 13.14
C ASN A 14 4.52 3.83 14.60
N GLN A 15 3.49 4.67 14.81
CA GLN A 15 2.92 4.85 16.16
C GLN A 15 1.95 3.73 16.56
N GLY A 16 1.49 2.95 15.59
CA GLY A 16 0.50 1.91 15.84
C GLY A 16 -0.93 2.42 15.73
N LEU A 17 -1.12 3.69 15.30
CA LEU A 17 -2.47 4.25 15.11
C LEU A 17 -3.14 3.60 13.87
N TYR A 18 -2.33 3.28 12.86
CA TYR A 18 -2.78 2.61 11.67
C TYR A 18 -2.21 1.17 11.68
N LYS A 19 -3.00 0.21 11.22
CA LYS A 19 -2.60 -1.19 11.15
C LYS A 19 -2.58 -1.62 9.66
N ILE A 20 -1.75 -2.60 9.29
CA ILE A 20 -1.71 -3.03 7.88
C ILE A 20 -2.63 -4.26 7.74
N THR A 21 -3.57 -4.15 6.79
CA THR A 21 -4.63 -5.11 6.52
C THR A 21 -4.09 -6.38 5.88
N PRO A 22 -4.54 -7.55 6.36
CA PRO A 22 -4.06 -8.83 5.83
C PRO A 22 -4.05 -9.01 4.31
N ARG A 23 -5.01 -8.44 3.55
CA ARG A 23 -5.00 -8.60 2.09
C ARG A 23 -5.98 -7.71 1.32
N HIS A 24 -5.63 -7.42 0.07
CA HIS A 24 -6.49 -6.62 -0.80
C HIS A 24 -7.08 -7.60 -1.81
N LYS A 25 -8.42 -7.63 -1.90
CA LYS A 25 -9.09 -8.54 -2.80
C LYS A 25 -8.92 -8.14 -4.28
N GLY A 26 -8.19 -8.96 -5.02
CA GLY A 26 -7.90 -8.75 -6.44
C GLY A 26 -7.08 -9.89 -7.03
N THR A 27 -6.74 -9.79 -8.32
CA THR A 27 -5.97 -10.85 -8.98
C THR A 27 -4.50 -10.51 -9.29
N SER A 28 -4.11 -9.25 -9.12
CA SER A 28 -2.76 -8.80 -9.41
C SER A 28 -1.69 -9.35 -8.44
N PHE A 29 -0.54 -9.76 -8.98
CA PHE A 29 0.59 -10.26 -8.19
C PHE A 29 1.06 -9.23 -7.15
N ILE A 30 0.79 -7.93 -7.36
CA ILE A 30 1.19 -6.88 -6.44
C ILE A 30 0.63 -7.07 -5.05
N TRP A 31 -0.52 -7.72 -4.91
CA TRP A 31 -1.16 -7.91 -3.62
C TRP A 31 -0.51 -9.00 -2.75
N ASN A 32 0.44 -9.77 -3.30
CA ASN A 32 1.26 -10.68 -2.48
C ASN A 32 2.32 -9.86 -1.68
N VAL A 33 2.56 -8.58 -2.03
CA VAL A 33 3.55 -7.73 -1.40
C VAL A 33 2.92 -6.47 -0.78
N LEU A 34 1.99 -5.84 -1.51
CA LEU A 34 1.31 -4.61 -1.08
C LEU A 34 0.05 -4.89 -0.24
N ALA A 35 -0.21 -4.06 0.78
CA ALA A 35 -1.38 -4.23 1.65
C ALA A 35 -2.16 -2.91 1.88
N ASP A 36 -3.40 -3.02 2.37
CA ASP A 36 -4.23 -1.88 2.72
C ASP A 36 -3.88 -1.34 4.12
N ILE A 37 -4.25 -0.09 4.38
CA ILE A 37 -3.97 0.52 5.68
C ILE A 37 -5.30 0.80 6.36
N GLN A 38 -5.39 0.49 7.65
CA GLN A 38 -6.62 0.66 8.41
C GLN A 38 -6.47 1.77 9.43
N LYS A 39 -7.50 2.58 9.62
CA LYS A 39 -7.50 3.61 10.64
C LYS A 39 -7.88 2.94 11.99
N GLU A 40 -7.90 3.71 13.11
CA GLU A 40 -8.28 3.17 14.40
C GLU A 40 -9.68 2.53 14.38
N ASP A 41 -10.62 3.17 13.69
CA ASP A 41 -12.00 2.68 13.60
C ASP A 41 -12.22 1.53 12.60
N ASP A 42 -11.11 0.94 12.09
CA ASP A 42 -11.09 -0.17 11.12
C ASP A 42 -11.54 0.24 9.70
N THR A 43 -11.63 1.55 9.42
CA THR A 43 -11.98 2.06 8.10
C THR A 43 -10.68 2.16 7.27
N LEU A 44 -10.68 1.69 6.00
CA LEU A 44 -9.48 1.73 5.16
C LEU A 44 -9.07 3.14 4.75
N VAL A 45 -7.75 3.42 4.83
CA VAL A 45 -7.16 4.69 4.42
C VAL A 45 -7.25 4.71 2.90
N GLU A 46 -7.99 5.66 2.35
CA GLU A 46 -8.18 5.72 0.90
C GLU A 46 -7.00 6.38 0.23
N GLY A 47 -6.55 5.82 -0.87
CA GLY A 47 -5.47 6.43 -1.66
C GLY A 47 -4.04 6.01 -1.41
N TRP A 48 -3.79 5.19 -0.39
CA TRP A 48 -2.45 4.75 -0.08
C TRP A 48 -2.37 3.26 0.23
N VAL A 49 -1.26 2.61 -0.16
CA VAL A 49 -1.01 1.20 0.17
C VAL A 49 0.37 1.07 0.83
N PHE A 50 0.64 -0.09 1.44
CA PHE A 50 1.88 -0.29 2.14
C PHE A 50 2.65 -1.46 1.59
N CYS A 51 3.93 -1.24 1.29
CA CYS A 51 4.76 -2.32 0.84
C CYS A 51 5.32 -3.09 2.02
N ARG A 52 5.07 -4.39 2.10
CA ARG A 52 5.61 -5.19 3.21
C ARG A 52 7.13 -5.34 3.15
N LYS A 53 7.71 -5.31 1.94
CA LYS A 53 9.14 -5.48 1.77
C LYS A 53 9.97 -4.24 2.15
N CYS A 54 9.71 -3.08 1.56
CA CYS A 54 10.49 -1.87 1.85
C CYS A 54 9.87 -0.98 2.95
N GLU A 55 8.59 -1.24 3.29
CA GLU A 55 7.80 -0.50 4.27
C GLU A 55 7.50 0.94 3.85
N LYS A 56 7.42 1.19 2.54
CA LYS A 56 7.05 2.51 2.04
C LYS A 56 5.53 2.56 1.83
N VAL A 57 4.98 3.79 1.90
CA VAL A 57 3.58 4.09 1.64
C VAL A 57 3.48 4.61 0.21
N LEU A 58 2.80 3.86 -0.68
CA LEU A 58 2.73 4.24 -2.09
C LEU A 58 1.33 4.69 -2.48
N LYS A 59 1.23 5.66 -3.40
CA LYS A 59 -0.07 6.16 -3.85
C LYS A 59 -0.80 5.06 -4.61
N TYR A 60 -2.09 4.86 -4.29
CA TYR A 60 -2.96 3.86 -4.90
C TYR A 60 -4.12 4.61 -5.53
N THR A 61 -4.34 4.41 -6.82
CA THR A 61 -5.49 4.99 -7.53
C THR A 61 -6.12 3.80 -8.23
N THR A 62 -7.44 3.63 -8.10
CA THR A 62 -8.09 2.52 -8.76
C THR A 62 -8.06 2.62 -10.29
N ARG A 63 -7.76 3.80 -10.85
CA ARG A 63 -7.72 3.95 -12.30
C ARG A 63 -6.54 3.25 -12.95
N GLN A 64 -5.44 3.02 -12.23
CA GLN A 64 -4.30 2.28 -12.78
C GLN A 64 -3.46 1.66 -11.70
N THR A 65 -2.91 0.50 -11.98
CA THR A 65 -1.97 -0.19 -11.08
C THR A 65 -0.53 -0.22 -11.64
N SER A 66 -0.17 0.65 -12.60
N SER A 66 -0.28 0.43 -12.81
CA SER A 66 1.20 0.69 -13.14
CA SER A 66 0.97 0.43 -13.56
C SER A 66 2.30 1.15 -12.14
C SER A 66 2.18 0.88 -12.76
N ASN A 67 2.09 2.21 -11.34
N ASN A 67 2.04 1.95 -11.97
CA ASN A 67 3.10 2.63 -10.37
CA ASN A 67 3.14 2.42 -11.15
C ASN A 67 3.36 1.55 -9.33
C ASN A 67 3.50 1.37 -10.10
N LEU A 68 2.30 0.90 -8.85
N LEU A 68 2.52 0.66 -9.54
CA LEU A 68 2.37 -0.20 -7.90
CA LEU A 68 2.73 -0.40 -8.56
C LEU A 68 3.06 -1.43 -8.50
C LEU A 68 3.47 -1.59 -9.14
N CYS A 69 2.84 -1.67 -9.79
N CYS A 69 3.14 -1.96 -10.37
CA CYS A 69 3.36 -2.75 -10.60
CA CYS A 69 3.81 -3.05 -11.07
C CYS A 69 4.89 -2.68 -10.76
C CYS A 69 5.32 -2.72 -11.31
N ARG A 70 5.42 -1.52 -11.20
N ARG A 70 5.68 -1.44 -11.38
CA ARG A 70 6.84 -1.36 -11.50
CA ARG A 70 7.07 -1.03 -11.57
C ARG A 70 7.72 -1.02 -10.30
C ARG A 70 7.81 -0.78 -10.25
N HIS A 71 7.13 -0.90 -9.10
CA HIS A 71 7.79 -0.70 -7.80
C HIS A 71 8.67 -1.92 -7.59
N LYS A 72 9.97 -1.73 -7.28
CA LYS A 72 10.95 -2.81 -7.29
C LYS A 72 10.53 -4.06 -6.56
N CYS A 73 9.85 -3.94 -5.44
CA CYS A 73 9.46 -5.11 -4.67
C CYS A 73 8.42 -5.98 -5.41
N CYS A 74 7.53 -5.39 -6.22
CA CYS A 74 6.56 -6.17 -7.00
C CYS A 74 7.22 -6.71 -8.25
N ALA A 75 8.03 -5.89 -8.95
CA ALA A 75 8.70 -6.27 -10.18
C ALA A 75 9.60 -7.52 -10.08
N SER A 76 9.88 -7.97 -8.85
CA SER A 76 10.65 -9.18 -8.61
C SER A 76 9.79 -10.46 -8.82
N LEU A 77 8.45 -10.32 -8.79
CA LEU A 77 7.50 -11.43 -8.95
C LEU A 77 7.14 -11.62 -10.43
#